data_5VC8
#
_entry.id   5VC8
#
_cell.length_a   82.990
_cell.length_b   82.990
_cell.length_c   115.400
_cell.angle_alpha   90.000
_cell.angle_beta   90.000
_cell.angle_gamma   90.000
#
_symmetry.space_group_name_H-M   'P 43 21 2'
#
loop_
_entity.id
_entity.type
_entity.pdbx_description
1 polymer 'Histone-lysine N-methyltransferase NSD2'
2 polymer 'dodeca-2-deoxy-nucleotide, poorly resolved by electron density'
3 polymer "DNA (5'-D(P*CP*TP*(DN))-3')"
4 non-polymer 'UNKNOWN ATOM OR ION'
5 water water
#
loop_
_entity_poly.entity_id
_entity_poly.type
_entity_poly.pdbx_seq_one_letter_code
_entity_poly.pdbx_strand_id
1 'polypeptide(L)'
;GGRDKDHLLKYNVGDLVWSKVSGYPWWPC(MSE)VSADPLLHSYTKLKGQKKSARQYHVQFFGDAPERAWIFEKSLVAFE
GEGQFEKLCQESAKQAPTKAEKIKLLKPISGKLRAQWE(MSE)GIVQAEEAAS(MSE)SVEERKAKFTFLYVG
;
A,B
2 'polydeoxyribonucleotide' (DG)(DA)(DG)(DA)(DT)(DC)(DG)(DA)(DT)(DC)(DT)(DC) W,X,Y
3 'polydeoxyribonucleotide' (DC)(DT)(DN) Z
#
loop_
_chem_comp.id
_chem_comp.type
_chem_comp.name
_chem_comp.formula
DA DNA linking 2'-DEOXYADENOSINE-5'-MONOPHOSPHATE 'C10 H14 N5 O6 P'
DC DNA linking 2'-DEOXYCYTIDINE-5'-MONOPHOSPHATE 'C9 H14 N3 O7 P'
DG DNA linking 2'-DEOXYGUANOSINE-5'-MONOPHOSPHATE 'C10 H14 N5 O7 P'
DN DNA linking 'UNKNOWN 2'-DEOXYNUCLEOTIDE' 'C5 H11 O6 P'
DT DNA linking THYMIDINE-5'-MONOPHOSPHATE 'C10 H15 N2 O8 P'
UNX non-polymer 'UNKNOWN ATOM OR ION' ?
#
# COMPACT_ATOMS: atom_id res chain seq x y z
CA HIS A 7 7.20 24.66 5.35
C HIS A 7 6.39 24.81 4.07
N LEU A 8 7.00 24.45 2.94
CA LEU A 8 6.37 24.61 1.63
C LEU A 8 5.37 23.49 1.34
N LEU A 9 5.60 22.29 1.85
CA LEU A 9 4.71 21.18 1.57
C LEU A 9 3.50 21.20 2.52
N LYS A 10 2.38 20.67 2.03
CA LYS A 10 1.14 20.71 2.82
C LYS A 10 1.25 19.87 4.08
N TYR A 11 1.88 18.69 3.99
CA TYR A 11 2.00 17.79 5.14
C TYR A 11 3.47 17.49 5.44
N ASN A 12 3.72 17.09 6.69
CA ASN A 12 5.02 16.56 7.08
C ASN A 12 4.79 15.28 7.88
N VAL A 13 5.89 14.56 8.11
CA VAL A 13 5.83 13.33 8.89
C VAL A 13 5.25 13.61 10.28
N GLY A 14 4.32 12.78 10.72
CA GLY A 14 3.61 12.99 11.96
C GLY A 14 2.25 13.68 11.84
N ASP A 15 1.95 14.33 10.71
CA ASP A 15 0.65 14.96 10.55
C ASP A 15 -0.47 13.93 10.50
N LEU A 16 -1.59 14.22 11.16
CA LEU A 16 -2.72 13.29 11.15
C LEU A 16 -3.65 13.61 10.01
N VAL A 17 -4.04 12.59 9.23
CA VAL A 17 -4.79 12.80 7.99
C VAL A 17 -5.81 11.71 7.81
N TRP A 18 -7.01 12.10 7.37
CA TRP A 18 -7.92 11.17 6.73
C TRP A 18 -7.36 10.79 5.37
N SER A 19 -7.34 9.48 5.06
CA SER A 19 -6.85 9.03 3.77
C SER A 19 -7.89 8.16 3.10
N LYS A 20 -8.02 8.29 1.79
CA LYS A 20 -8.97 7.49 1.04
C LYS A 20 -8.26 6.58 0.05
N VAL A 21 -8.48 5.27 0.19
CA VAL A 21 -8.03 4.25 -0.75
C VAL A 21 -9.25 3.54 -1.31
N SER A 22 -9.27 3.32 -2.63
CA SER A 22 -10.39 2.60 -3.22
C SER A 22 -10.53 1.23 -2.59
N GLY A 23 -11.73 0.88 -2.16
CA GLY A 23 -11.99 -0.36 -1.49
C GLY A 23 -11.98 -0.28 0.02
N TYR A 24 -11.59 0.87 0.59
CA TYR A 24 -11.58 1.14 2.03
C TYR A 24 -12.46 2.33 2.33
N PRO A 25 -13.08 2.37 3.50
CA PRO A 25 -13.69 3.63 3.94
C PRO A 25 -12.60 4.64 4.23
N TRP A 26 -12.98 5.92 4.20
CA TRP A 26 -12.08 6.97 4.69
C TRP A 26 -11.48 6.54 6.03
N TRP A 27 -10.15 6.67 6.17
CA TRP A 27 -9.45 5.99 7.26
C TRP A 27 -8.50 6.95 7.99
N PRO A 28 -8.46 6.92 9.32
CA PRO A 28 -7.53 7.81 10.04
C PRO A 28 -6.11 7.30 9.93
N CYS A 29 -5.19 8.16 9.48
CA CYS A 29 -3.82 7.78 9.20
C CYS A 29 -2.84 8.82 9.75
N MSE A 30 -1.55 8.49 9.68
CA MSE A 30 -0.49 9.44 10.03
C MSE A 30 0.57 9.44 8.93
O MSE A 30 0.98 8.37 8.49
CB MSE A 30 0.16 9.09 11.37
CG MSE A 30 1.25 10.07 11.76
SE MSE A 30 2.08 9.57 13.48
CE MSE A 30 3.23 8.12 12.84
N VAL A 31 0.97 10.63 8.45
CA VAL A 31 2.04 10.69 7.45
C VAL A 31 3.32 10.11 8.02
N SER A 32 3.96 9.21 7.28
CA SER A 32 5.06 8.41 7.81
C SER A 32 6.07 8.14 6.70
N ALA A 33 7.31 7.87 7.10
CA ALA A 33 8.33 7.51 6.11
C ALA A 33 8.05 6.11 5.56
N ASP A 34 8.20 5.96 4.24
CA ASP A 34 8.07 4.65 3.63
C ASP A 34 9.14 3.70 4.18
N PRO A 35 8.79 2.47 4.57
CA PRO A 35 9.79 1.57 5.16
C PRO A 35 10.97 1.28 4.24
N LEU A 36 10.76 1.21 2.93
CA LEU A 36 11.82 0.83 1.99
C LEU A 36 12.57 2.05 1.45
N LEU A 37 11.87 3.10 1.04
CA LEU A 37 12.53 4.25 0.44
C LEU A 37 12.97 5.29 1.47
N HIS A 38 12.32 5.32 2.63
CA HIS A 38 12.57 6.25 3.74
C HIS A 38 12.09 7.66 3.44
N SER A 39 11.43 7.89 2.31
CA SER A 39 10.82 9.18 2.02
C SER A 39 9.38 9.19 2.51
N TYR A 40 8.84 10.39 2.74
CA TYR A 40 7.42 10.50 3.10
C TYR A 40 6.59 11.20 2.03
N THR A 41 7.23 11.72 0.99
CA THR A 41 6.51 12.33 -0.12
C THR A 41 7.31 12.09 -1.38
N LYS A 42 6.61 12.02 -2.51
CA LYS A 42 7.27 11.88 -3.81
C LYS A 42 6.30 12.34 -4.87
N LEU A 43 6.81 12.55 -6.08
CA LEU A 43 6.01 12.94 -7.23
C LEU A 43 5.79 11.72 -8.11
N LYS A 44 4.55 11.52 -8.56
CA LYS A 44 4.25 10.36 -9.38
C LYS A 44 4.58 10.60 -10.85
N ALA A 50 1.87 15.25 -10.03
CA ALA A 50 1.00 15.20 -8.85
C ALA A 50 1.72 14.55 -7.66
N ARG A 51 1.54 15.12 -6.47
CA ARG A 51 2.32 14.74 -5.31
C ARG A 51 1.59 13.67 -4.49
N GLN A 52 2.36 12.72 -3.98
CA GLN A 52 1.87 11.68 -3.09
C GLN A 52 2.52 11.82 -1.72
N TYR A 53 1.81 11.38 -0.69
CA TYR A 53 2.36 11.23 0.65
C TYR A 53 2.22 9.79 1.12
N HIS A 54 3.19 9.34 1.92
CA HIS A 54 3.15 8.01 2.48
C HIS A 54 2.46 8.07 3.83
N VAL A 55 1.56 7.12 4.09
CA VAL A 55 0.82 7.13 5.35
C VAL A 55 0.83 5.73 5.95
N GLN A 56 0.61 5.73 7.27
CA GLN A 56 0.43 4.55 8.09
C GLN A 56 -0.98 4.59 8.64
N PHE A 57 -1.75 3.51 8.45
CA PHE A 57 -3.13 3.46 8.94
C PHE A 57 -3.12 3.27 10.45
N PHE A 58 -3.93 4.03 11.18
CA PHE A 58 -4.12 3.67 12.58
C PHE A 58 -4.99 2.42 12.67
N GLY A 59 -4.86 1.70 13.78
CA GLY A 59 -5.71 0.56 14.03
C GLY A 59 -5.30 -0.73 13.35
N ASP A 60 -4.39 -0.66 12.37
CA ASP A 60 -3.84 -1.88 11.77
C ASP A 60 -2.41 -1.56 11.35
N ALA A 61 -1.47 -1.86 12.25
CA ALA A 61 -0.07 -1.51 12.04
C ALA A 61 0.51 -1.98 10.71
N PRO A 62 0.24 -3.20 10.21
CA PRO A 62 0.92 -3.61 8.97
C PRO A 62 0.40 -2.92 7.70
N GLU A 63 -0.55 -1.97 7.81
CA GLU A 63 -1.18 -1.35 6.62
C GLU A 63 -0.66 0.06 6.37
N ARG A 64 -0.01 0.25 5.23
CA ARG A 64 0.55 1.54 4.83
C ARG A 64 0.31 1.75 3.35
N ALA A 65 0.35 3.01 2.89
CA ALA A 65 0.13 3.26 1.46
C ALA A 65 0.66 4.63 1.03
N TRP A 66 0.96 4.73 -0.27
CA TRP A 66 1.18 6.02 -0.91
C TRP A 66 -0.17 6.55 -1.37
N ILE A 67 -0.48 7.80 -1.01
CA ILE A 67 -1.78 8.42 -1.28
C ILE A 67 -1.55 9.74 -1.99
N PHE A 68 -2.32 10.00 -3.05
CA PHE A 68 -2.27 11.33 -3.68
C PHE A 68 -2.84 12.37 -2.73
N GLU A 69 -2.24 13.57 -2.74
CA GLU A 69 -2.73 14.70 -1.98
C GLU A 69 -4.24 14.85 -2.08
N LYS A 70 -4.79 14.57 -3.26
CA LYS A 70 -6.21 14.75 -3.49
C LYS A 70 -7.07 13.84 -2.62
N SER A 71 -6.51 12.75 -2.11
CA SER A 71 -7.26 11.83 -1.26
C SER A 71 -6.83 11.92 0.21
N LEU A 72 -6.29 13.08 0.63
CA LEU A 72 -5.93 13.36 2.01
C LEU A 72 -6.64 14.59 2.52
N VAL A 73 -7.09 14.54 3.77
CA VAL A 73 -7.73 15.67 4.46
C VAL A 73 -7.17 15.73 5.86
N ALA A 74 -6.75 16.90 6.30
CA ALA A 74 -6.23 17.02 7.67
C ALA A 74 -7.25 16.49 8.67
N PHE A 75 -6.79 15.62 9.58
CA PHE A 75 -7.67 14.99 10.56
C PHE A 75 -7.96 15.96 11.70
N GLU A 76 -9.24 16.28 11.89
CA GLU A 76 -9.71 17.03 13.06
C GLU A 76 -10.57 16.17 13.99
N GLY A 77 -11.41 15.30 13.46
CA GLY A 77 -12.19 14.43 14.32
C GLY A 77 -13.09 13.51 13.50
N GLU A 78 -13.70 12.57 14.23
CA GLU A 78 -14.62 11.61 13.60
C GLU A 78 -15.77 12.30 12.93
N GLY A 79 -16.16 13.48 13.44
CA GLY A 79 -17.26 14.24 12.87
C GLY A 79 -17.11 14.55 11.40
N GLN A 80 -15.89 14.47 10.86
CA GLN A 80 -15.66 14.72 9.44
C GLN A 80 -16.13 13.59 8.53
N PHE A 81 -16.32 12.38 9.09
CA PHE A 81 -16.41 11.18 8.29
C PHE A 81 -17.60 11.20 7.34
N GLU A 82 -18.77 11.57 7.87
CA GLU A 82 -20.00 11.56 7.06
C GLU A 82 -19.85 12.48 5.85
N LYS A 83 -19.33 13.69 6.06
CA LYS A 83 -19.16 14.62 4.96
C LYS A 83 -18.13 14.12 3.96
N LEU A 84 -17.07 13.45 4.43
CA LEU A 84 -16.09 12.90 3.49
C LEU A 84 -16.70 11.81 2.62
N CYS A 85 -17.52 10.93 3.20
CA CYS A 85 -18.24 9.93 2.42
C CYS A 85 -19.11 10.59 1.35
N GLN A 86 -19.91 11.57 1.77
CA GLN A 86 -20.79 12.25 0.82
C GLN A 86 -20.01 12.89 -0.32
N GLU A 87 -18.91 13.57 0.01
CA GLU A 87 -18.15 14.25 -1.04
C GLU A 87 -17.49 13.25 -1.99
N SER A 88 -17.00 12.12 -1.47
CA SER A 88 -16.46 11.08 -2.36
C SER A 88 -17.53 10.56 -3.30
N ALA A 89 -18.75 10.35 -2.78
CA ALA A 89 -19.85 9.88 -3.63
C ALA A 89 -20.22 10.95 -4.65
N LYS A 90 -20.23 12.21 -4.24
CA LYS A 90 -20.59 13.27 -5.18
C LYS A 90 -19.64 13.31 -6.37
N GLN A 91 -18.36 13.05 -6.12
CA GLN A 91 -17.35 13.07 -7.19
C GLN A 91 -17.28 11.78 -7.99
N ALA A 92 -17.79 10.67 -7.46
CA ALA A 92 -17.63 9.39 -8.16
C ALA A 92 -18.55 9.33 -9.37
N PRO A 93 -18.06 8.86 -10.53
CA PRO A 93 -18.87 8.88 -11.75
C PRO A 93 -20.01 7.86 -11.75
N THR A 94 -19.69 6.59 -11.49
CA THR A 94 -20.66 5.52 -11.69
C THR A 94 -21.57 5.34 -10.48
N LYS A 95 -22.80 4.92 -10.78
CA LYS A 95 -23.73 4.52 -9.74
C LYS A 95 -23.12 3.46 -8.82
N ALA A 96 -22.38 2.51 -9.42
CA ALA A 96 -21.80 1.42 -8.63
C ALA A 96 -20.76 1.94 -7.63
N GLU A 97 -19.90 2.87 -8.05
CA GLU A 97 -18.94 3.41 -7.10
C GLU A 97 -19.64 4.27 -6.06
N LYS A 98 -20.64 5.05 -6.48
CA LYS A 98 -21.40 5.85 -5.53
C LYS A 98 -22.03 4.98 -4.45
N ILE A 99 -22.62 3.84 -4.85
CA ILE A 99 -23.28 2.96 -3.89
C ILE A 99 -22.27 2.29 -2.97
N LYS A 100 -21.13 1.86 -3.53
CA LYS A 100 -20.06 1.31 -2.70
C LYS A 100 -19.61 2.31 -1.65
N LEU A 101 -19.45 3.58 -2.05
CA LEU A 101 -18.94 4.60 -1.13
C LEU A 101 -19.93 4.91 -0.02
N LEU A 102 -21.22 4.72 -0.26
CA LEU A 102 -22.22 5.08 0.72
C LEU A 102 -22.58 3.94 1.67
N LYS A 103 -22.05 2.74 1.45
CA LYS A 103 -22.36 1.63 2.34
C LYS A 103 -21.72 1.86 3.71
N PRO A 104 -22.39 1.49 4.80
CA PRO A 104 -21.75 1.53 6.12
C PRO A 104 -20.51 0.66 6.16
N ILE A 105 -19.60 1.00 7.07
CA ILE A 105 -18.37 0.21 7.22
C ILE A 105 -18.74 -1.21 7.60
N SER A 106 -18.11 -2.18 6.94
CA SER A 106 -18.44 -3.59 7.11
C SER A 106 -17.95 -4.12 8.45
N GLY A 107 -18.61 -5.18 8.92
CA GLY A 107 -18.20 -5.80 10.17
C GLY A 107 -16.75 -6.25 10.14
N LYS A 108 -16.28 -6.67 8.97
CA LYS A 108 -14.89 -7.10 8.83
C LYS A 108 -13.91 -5.99 9.21
N LEU A 109 -14.29 -4.73 8.96
CA LEU A 109 -13.38 -3.60 9.13
C LEU A 109 -13.70 -2.72 10.33
N ARG A 110 -14.91 -2.83 10.90
CA ARG A 110 -15.38 -1.84 11.87
C ARG A 110 -14.53 -1.83 13.15
N ALA A 111 -14.18 -3.01 13.67
CA ALA A 111 -13.37 -3.04 14.89
C ALA A 111 -12.05 -2.29 14.70
N GLN A 112 -11.40 -2.47 13.54
CA GLN A 112 -10.11 -1.81 13.34
C GLN A 112 -10.30 -0.34 13.05
N TRP A 113 -11.37 0.02 12.34
CA TRP A 113 -11.64 1.44 12.08
C TRP A 113 -11.88 2.18 13.39
N GLU A 114 -12.68 1.59 14.28
CA GLU A 114 -12.94 2.21 15.58
C GLU A 114 -11.65 2.36 16.37
N MSE A 115 -10.84 1.32 16.43
CA MSE A 115 -9.54 1.39 17.10
CA MSE A 115 -9.58 1.44 17.14
C MSE A 115 -8.69 2.50 16.49
O MSE A 115 -7.96 3.21 17.19
CB MSE A 115 -8.81 0.06 16.99
CB MSE A 115 -8.85 0.09 17.20
CG MSE A 115 -9.38 -1.05 17.84
CG MSE A 115 -7.58 0.12 18.04
SE MSE A 115 -8.31 -2.68 17.58
SE MSE A 115 -7.82 0.90 19.82
CE MSE A 115 -6.55 -1.81 17.50
CE MSE A 115 -9.10 -0.38 20.56
N GLY A 116 -8.76 2.60 15.16
CA GLY A 116 -7.98 3.61 14.45
C GLY A 116 -8.41 5.01 14.81
N ILE A 117 -9.72 5.23 14.94
CA ILE A 117 -10.20 6.55 15.37
C ILE A 117 -9.71 6.86 16.78
N VAL A 118 -9.80 5.88 17.69
CA VAL A 118 -9.32 6.08 19.06
C VAL A 118 -7.84 6.43 19.05
N GLN A 119 -7.04 5.66 18.32
CA GLN A 119 -5.61 5.94 18.26
C GLN A 119 -5.31 7.33 17.73
N ALA A 120 -6.02 7.74 16.68
CA ALA A 120 -5.79 9.05 16.08
C ALA A 120 -6.10 10.16 17.07
N GLU A 121 -7.19 10.02 17.83
CA GLU A 121 -7.50 11.02 18.86
C GLU A 121 -6.41 11.06 19.94
N GLU A 122 -5.93 9.89 20.38
CA GLU A 122 -4.81 9.88 21.33
C GLU A 122 -3.56 10.51 20.73
N ALA A 123 -3.31 10.29 19.44
CA ALA A 123 -2.14 10.84 18.78
C ALA A 123 -2.21 12.36 18.73
N ALA A 124 -3.40 12.90 18.51
CA ALA A 124 -3.57 14.34 18.42
C ALA A 124 -3.23 15.03 19.73
N SER A 125 -3.34 14.31 20.86
CA SER A 125 -3.02 14.90 22.15
C SER A 125 -1.52 14.90 22.44
N MSE A 126 -0.72 14.22 21.63
CA MSE A 126 0.73 14.17 21.82
C MSE A 126 1.46 15.15 20.94
O MSE A 126 0.94 15.58 19.92
CB MSE A 126 1.28 12.77 21.54
CG MSE A 126 0.34 11.62 21.81
SE MSE A 126 1.33 9.98 21.49
CE MSE A 126 2.30 9.82 23.18
N SER A 127 2.70 15.45 21.31
CA SER A 127 3.59 16.18 20.42
C SER A 127 3.88 15.36 19.17
N VAL A 128 4.29 16.05 18.10
CA VAL A 128 4.60 15.37 16.84
C VAL A 128 5.68 14.31 17.04
N GLU A 129 6.74 14.64 17.79
CA GLU A 129 7.79 13.66 18.01
C GLU A 129 7.33 12.52 18.90
N GLU A 130 6.43 12.80 19.85
CA GLU A 130 5.88 11.74 20.70
C GLU A 130 5.05 10.76 19.89
N ARG A 131 4.13 11.26 19.05
CA ARG A 131 3.31 10.33 18.28
C ARG A 131 4.14 9.61 17.23
N LYS A 132 5.17 10.26 16.70
CA LYS A 132 6.09 9.57 15.79
C LYS A 132 6.77 8.41 16.48
N ALA A 133 7.25 8.63 17.71
CA ALA A 133 7.93 7.56 18.43
C ALA A 133 6.97 6.42 18.77
N LYS A 134 5.75 6.74 19.19
CA LYS A 134 4.83 5.70 19.64
C LYS A 134 4.29 4.88 18.47
N PHE A 135 3.96 5.53 17.35
CA PHE A 135 3.23 4.86 16.29
C PHE A 135 4.09 4.46 15.10
N THR A 136 5.37 4.84 15.06
CA THR A 136 6.24 4.39 13.99
C THR A 136 7.17 3.29 14.49
N PHE A 137 6.95 2.85 15.72
N LEU B 8 -9.36 -18.73 -13.75
CA LEU B 8 -10.20 -17.56 -13.49
C LEU B 8 -9.36 -16.28 -13.50
N LEU B 9 -8.84 -15.92 -12.33
CA LEU B 9 -7.96 -14.77 -12.21
C LEU B 9 -6.54 -15.13 -12.63
N LYS B 10 -5.81 -14.13 -13.12
CA LYS B 10 -4.45 -14.37 -13.58
C LYS B 10 -3.54 -14.80 -12.43
N TYR B 11 -3.70 -14.22 -11.24
CA TYR B 11 -2.82 -14.52 -10.13
C TYR B 11 -3.61 -14.97 -8.91
N ASN B 12 -2.93 -15.69 -8.01
CA ASN B 12 -3.45 -16.07 -6.70
C ASN B 12 -2.37 -15.84 -5.65
N VAL B 13 -2.79 -15.88 -4.39
CA VAL B 13 -1.86 -15.75 -3.27
C VAL B 13 -0.73 -16.76 -3.43
N GLY B 14 0.51 -16.30 -3.27
CA GLY B 14 1.67 -17.14 -3.39
C GLY B 14 2.36 -17.06 -4.74
N ASP B 15 1.71 -16.49 -5.75
CA ASP B 15 2.38 -16.34 -7.04
C ASP B 15 3.49 -15.31 -6.94
N LEU B 16 4.61 -15.59 -7.60
CA LEU B 16 5.75 -14.67 -7.58
C LEU B 16 5.66 -13.72 -8.76
N VAL B 17 5.80 -12.42 -8.51
CA VAL B 17 5.63 -11.43 -9.57
C VAL B 17 6.67 -10.32 -9.42
N TRP B 18 7.15 -9.83 -10.55
CA TRP B 18 7.82 -8.54 -10.60
C TRP B 18 6.76 -7.44 -10.51
N SER B 19 6.97 -6.45 -9.63
CA SER B 19 6.06 -5.32 -9.45
C SER B 19 6.78 -4.00 -9.71
N LYS B 20 6.12 -3.10 -10.44
CA LYS B 20 6.68 -1.77 -10.69
C LYS B 20 5.85 -0.73 -9.94
N VAL B 21 6.49 -0.01 -9.01
CA VAL B 21 5.89 1.13 -8.33
C VAL B 21 6.72 2.36 -8.69
N SER B 22 6.05 3.46 -8.98
CA SER B 22 6.76 4.68 -9.35
C SER B 22 7.67 5.09 -8.20
N GLY B 23 8.94 5.35 -8.53
CA GLY B 23 9.94 5.68 -7.53
C GLY B 23 10.76 4.50 -7.05
N TYR B 24 10.41 3.28 -7.48
CA TYR B 24 11.13 2.06 -7.12
C TYR B 24 11.62 1.37 -8.38
N PRO B 25 12.73 0.64 -8.31
CA PRO B 25 13.05 -0.29 -9.40
C PRO B 25 12.06 -1.44 -9.40
N TRP B 26 11.94 -2.10 -10.56
CA TRP B 26 11.20 -3.35 -10.62
C TRP B 26 11.63 -4.25 -9.47
N TRP B 27 10.65 -4.79 -8.73
CA TRP B 27 10.93 -5.43 -7.44
C TRP B 27 10.32 -6.82 -7.39
N PRO B 28 11.04 -7.82 -6.87
CA PRO B 28 10.46 -9.17 -6.75
C PRO B 28 9.47 -9.22 -5.59
N CYS B 29 8.27 -9.74 -5.85
CA CYS B 29 7.19 -9.70 -4.87
C CYS B 29 6.44 -11.03 -4.88
N MSE B 30 5.58 -11.21 -3.88
CA MSE B 30 4.67 -12.38 -3.83
C MSE B 30 3.24 -11.87 -3.63
O MSE B 30 3.02 -11.01 -2.76
CB MSE B 30 5.05 -13.35 -2.69
CG MSE B 30 4.13 -14.56 -2.63
SE MSE B 30 4.82 -15.88 -1.31
CE MSE B 30 4.55 -14.82 0.28
N VAL B 31 2.29 -12.35 -4.43
CA VAL B 31 0.90 -11.95 -4.22
C VAL B 31 0.45 -12.42 -2.85
N SER B 32 -0.22 -11.52 -2.10
CA SER B 32 -0.50 -11.77 -0.69
C SER B 32 -1.83 -11.16 -0.29
N ALA B 33 -2.43 -11.70 0.76
CA ALA B 33 -3.64 -11.08 1.32
C ALA B 33 -3.28 -9.73 1.93
N ASP B 34 -4.10 -8.73 1.64
CA ASP B 34 -3.96 -7.44 2.31
C ASP B 34 -4.18 -7.58 3.82
N PRO B 35 -3.29 -7.02 4.64
CA PRO B 35 -3.48 -7.11 6.10
C PRO B 35 -4.86 -6.67 6.58
N LEU B 36 -5.43 -5.61 6.02
CA LEU B 36 -6.65 -5.02 6.57
C LEU B 36 -7.93 -5.54 5.90
N LEU B 37 -7.94 -5.61 4.56
CA LEU B 37 -9.12 -6.10 3.83
C LEU B 37 -9.20 -7.61 3.77
N HIS B 38 -8.08 -8.31 3.94
CA HIS B 38 -7.97 -9.77 3.85
C HIS B 38 -8.04 -10.26 2.40
N SER B 39 -8.42 -9.40 1.47
CA SER B 39 -8.49 -9.74 0.06
CA SER B 39 -8.49 -9.74 0.06
C SER B 39 -7.12 -9.63 -0.59
N TYR B 40 -6.93 -10.35 -1.71
CA TYR B 40 -5.69 -10.24 -2.47
C TYR B 40 -5.88 -9.63 -3.85
N THR B 41 -7.12 -9.35 -4.26
CA THR B 41 -7.37 -8.68 -5.53
C THR B 41 -8.63 -7.85 -5.37
N LYS B 42 -8.73 -6.79 -6.17
CA LYS B 42 -9.90 -5.92 -6.16
C LYS B 42 -9.88 -5.09 -7.43
N LEU B 43 -11.01 -4.47 -7.70
CA LEU B 43 -11.15 -3.57 -8.84
C LEU B 43 -11.12 -2.12 -8.35
N LYS B 44 -10.21 -1.32 -8.89
CA LYS B 44 -10.14 0.07 -8.46
C LYS B 44 -11.35 0.83 -8.99
N GLY B 45 -12.09 1.47 -8.08
CA GLY B 45 -13.26 2.22 -8.47
C GLY B 45 -14.36 1.31 -8.97
N GLN B 46 -14.24 0.01 -8.69
CA GLN B 46 -15.15 -1.05 -9.12
C GLN B 46 -15.18 -1.25 -10.63
N LYS B 47 -14.15 -0.81 -11.35
CA LYS B 47 -14.12 -0.93 -12.82
C LYS B 47 -13.41 -2.20 -13.24
N LYS B 48 -14.06 -2.98 -14.11
CA LYS B 48 -13.53 -4.30 -14.50
C LYS B 48 -12.18 -4.20 -15.18
N SER B 49 -11.88 -3.07 -15.82
CA SER B 49 -10.61 -2.89 -16.50
C SER B 49 -9.48 -2.51 -15.56
N ALA B 50 -9.76 -2.32 -14.27
CA ALA B 50 -8.74 -1.81 -13.37
C ALA B 50 -8.42 -2.81 -12.26
N ARG B 51 -8.15 -4.06 -12.61
CA ARG B 51 -7.87 -5.04 -11.55
C ARG B 51 -6.51 -4.79 -10.93
N GLN B 52 -6.47 -4.86 -9.59
CA GLN B 52 -5.26 -4.76 -8.79
C GLN B 52 -5.05 -6.06 -8.03
N TYR B 53 -3.79 -6.34 -7.70
CA TYR B 53 -3.44 -7.42 -6.79
C TYR B 53 -2.61 -6.85 -5.66
N HIS B 54 -2.76 -7.44 -4.47
CA HIS B 54 -1.98 -7.03 -3.33
C HIS B 54 -0.68 -7.84 -3.31
N VAL B 55 0.45 -7.17 -3.09
CA VAL B 55 1.74 -7.87 -3.10
C VAL B 55 2.55 -7.55 -1.86
N GLN B 56 3.38 -8.52 -1.49
CA GLN B 56 4.37 -8.41 -0.42
C GLN B 56 5.73 -8.30 -1.10
N PHE B 57 6.49 -7.24 -0.79
CA PHE B 57 7.85 -7.13 -1.31
C PHE B 57 8.74 -8.17 -0.63
N PHE B 58 9.55 -8.90 -1.42
CA PHE B 58 10.62 -9.66 -0.80
C PHE B 58 11.71 -8.69 -0.33
N GLY B 59 12.48 -9.13 0.67
CA GLY B 59 13.60 -8.34 1.11
C GLY B 59 13.31 -7.20 2.06
N ASP B 60 12.03 -6.81 2.21
CA ASP B 60 11.68 -5.76 3.18
C ASP B 60 10.24 -6.05 3.63
N ALA B 61 10.13 -6.83 4.70
CA ALA B 61 8.82 -7.25 5.22
C ALA B 61 7.80 -6.13 5.34
N PRO B 62 8.11 -4.96 5.90
CA PRO B 62 7.03 -3.95 6.08
C PRO B 62 6.52 -3.36 4.79
N GLU B 63 7.12 -3.65 3.63
CA GLU B 63 6.71 -2.99 2.38
C GLU B 63 5.71 -3.85 1.61
N ARG B 64 4.50 -3.33 1.39
CA ARG B 64 3.45 -4.04 0.69
C ARG B 64 2.66 -3.02 -0.11
N ALA B 65 1.98 -3.47 -1.16
CA ALA B 65 1.28 -2.50 -1.99
C ALA B 65 0.21 -3.17 -2.86
N TRP B 66 -0.76 -2.37 -3.28
CA TRP B 66 -1.71 -2.75 -4.33
C TRP B 66 -1.13 -2.32 -5.66
N ILE B 67 -1.07 -3.26 -6.61
CA ILE B 67 -0.45 -3.04 -7.92
C ILE B 67 -1.47 -3.38 -9.00
N PHE B 68 -1.57 -2.53 -10.01
CA PHE B 68 -2.36 -2.92 -11.18
C PHE B 68 -1.77 -4.16 -11.84
N GLU B 69 -2.66 -5.05 -12.27
CA GLU B 69 -2.27 -6.24 -13.02
C GLU B 69 -1.28 -5.89 -14.13
N LYS B 70 -1.51 -4.75 -14.80
CA LYS B 70 -0.64 -4.33 -15.90
C LYS B 70 0.78 -3.95 -15.44
N SER B 71 0.98 -3.64 -14.16
CA SER B 71 2.30 -3.35 -13.63
C SER B 71 2.94 -4.56 -12.96
N LEU B 72 2.52 -5.77 -13.37
CA LEU B 72 2.97 -7.05 -12.84
C LEU B 72 3.47 -7.95 -13.96
N VAL B 73 4.58 -8.66 -13.71
CA VAL B 73 5.11 -9.64 -14.64
C VAL B 73 5.47 -10.88 -13.83
N ALA B 74 5.05 -12.06 -14.29
CA ALA B 74 5.34 -13.27 -13.53
C ALA B 74 6.85 -13.44 -13.35
N PHE B 75 7.27 -13.75 -12.13
CA PHE B 75 8.69 -13.88 -11.81
C PHE B 75 9.19 -15.26 -12.23
N GLU B 76 10.22 -15.27 -13.09
CA GLU B 76 10.99 -16.47 -13.39
C GLU B 76 12.41 -16.41 -12.83
N GLY B 77 13.07 -15.26 -12.92
CA GLY B 77 14.41 -15.14 -12.39
C GLY B 77 14.97 -13.75 -12.56
N GLU B 78 16.15 -13.55 -11.99
CA GLU B 78 16.78 -12.22 -12.01
C GLU B 78 17.05 -11.75 -13.44
N GLY B 79 17.32 -12.68 -14.36
CA GLY B 79 17.63 -12.34 -15.74
C GLY B 79 16.57 -11.52 -16.44
N GLN B 80 15.34 -11.48 -15.89
CA GLN B 80 14.28 -10.67 -16.50
C GLN B 80 14.48 -9.17 -16.26
N PHE B 81 15.31 -8.81 -15.28
CA PHE B 81 15.33 -7.42 -14.79
C PHE B 81 15.73 -6.43 -15.86
N GLU B 82 16.73 -6.77 -16.66
CA GLU B 82 17.25 -5.81 -17.62
C GLU B 82 16.18 -5.42 -18.65
N LYS B 83 15.44 -6.41 -19.16
CA LYS B 83 14.39 -6.14 -20.14
C LYS B 83 13.27 -5.31 -19.52
N LEU B 84 12.90 -5.63 -18.27
CA LEU B 84 11.91 -4.81 -17.58
C LEU B 84 12.38 -3.36 -17.47
N CYS B 85 13.65 -3.14 -17.12
CA CYS B 85 14.18 -1.78 -17.11
C CYS B 85 14.13 -1.16 -18.50
N GLN B 86 14.53 -1.92 -19.53
CA GLN B 86 14.53 -1.38 -20.88
C GLN B 86 13.12 -1.00 -21.31
N GLU B 87 12.13 -1.85 -21.03
CA GLU B 87 10.77 -1.56 -21.44
C GLU B 87 10.23 -0.34 -20.72
N SER B 88 10.55 -0.18 -19.44
CA SER B 88 10.08 0.98 -18.70
C SER B 88 10.74 2.27 -19.17
N ALA B 89 12.01 2.19 -19.57
CA ALA B 89 12.69 3.37 -20.10
C ALA B 89 12.08 3.81 -21.43
N LYS B 90 11.48 2.88 -22.19
CA LYS B 90 10.86 3.26 -23.45
C LYS B 90 9.62 4.11 -23.22
N GLN B 91 8.71 3.66 -22.36
CA GLN B 91 7.47 4.37 -22.11
C GLN B 91 7.69 5.65 -21.32
N ALA B 92 8.92 5.86 -20.86
N LEU B 101 15.53 5.65 -15.21
CA LEU B 101 15.14 4.28 -14.88
C LEU B 101 16.26 3.28 -15.21
N LEU B 102 17.27 3.73 -15.95
CA LEU B 102 18.36 2.84 -16.38
C LEU B 102 19.60 2.93 -15.51
N LYS B 103 19.72 3.96 -14.65
CA LYS B 103 20.85 4.03 -13.74
C LYS B 103 20.79 2.87 -12.74
N PRO B 104 21.93 2.27 -12.39
CA PRO B 104 21.89 1.11 -11.52
C PRO B 104 21.40 1.46 -10.12
N ILE B 105 20.71 0.50 -9.50
CA ILE B 105 20.38 0.63 -8.09
C ILE B 105 21.68 0.73 -7.31
N SER B 106 21.68 1.58 -6.29
CA SER B 106 22.86 1.79 -5.47
C SER B 106 22.49 1.70 -4.00
N GLY B 107 23.54 1.64 -3.17
CA GLY B 107 23.44 1.89 -1.75
C GLY B 107 22.61 0.86 -1.00
N LYS B 108 21.92 1.35 0.02
CA LYS B 108 21.06 0.49 0.83
C LYS B 108 19.93 -0.12 0.02
N LEU B 109 19.35 0.64 -0.92
CA LEU B 109 18.27 0.07 -1.73
C LEU B 109 18.75 -1.18 -2.48
N ARG B 110 19.98 -1.11 -3.03
CA ARG B 110 20.52 -2.26 -3.74
C ARG B 110 20.59 -3.49 -2.84
N ALA B 111 21.08 -3.32 -1.61
CA ALA B 111 21.23 -4.46 -0.69
C ALA B 111 19.88 -5.11 -0.40
N GLN B 112 18.85 -4.30 -0.13
CA GLN B 112 17.52 -4.86 0.09
C GLN B 112 16.98 -5.53 -1.17
N TRP B 113 17.21 -4.93 -2.35
CA TRP B 113 16.80 -5.54 -3.61
C TRP B 113 17.49 -6.89 -3.82
N GLU B 114 18.80 -6.94 -3.59
CA GLU B 114 19.53 -8.19 -3.75
C GLU B 114 19.00 -9.26 -2.81
N MSE B 115 18.74 -8.91 -1.55
CA MSE B 115 18.15 -9.87 -0.61
C MSE B 115 16.76 -10.34 -1.07
O MSE B 115 16.42 -11.52 -0.95
CB MSE B 115 18.07 -9.26 0.80
CG MSE B 115 17.44 -10.18 1.87
SE MSE B 115 18.35 -11.96 2.00
CE MSE B 115 20.03 -11.42 2.87
N GLY B 116 15.95 -9.41 -1.60
CA GLY B 116 14.65 -9.80 -2.13
C GLY B 116 14.77 -10.74 -3.32
N ILE B 117 15.78 -10.53 -4.18
CA ILE B 117 15.98 -11.45 -5.30
C ILE B 117 16.36 -12.84 -4.79
N VAL B 118 17.27 -12.92 -3.81
CA VAL B 118 17.67 -14.22 -3.29
C VAL B 118 16.47 -14.96 -2.71
N GLN B 119 15.61 -14.24 -1.99
CA GLN B 119 14.43 -14.86 -1.42
C GLN B 119 13.48 -15.33 -2.52
N ALA B 120 13.24 -14.48 -3.52
CA ALA B 120 12.35 -14.86 -4.61
C ALA B 120 12.89 -16.07 -5.35
N GLU B 121 14.22 -16.16 -5.49
CA GLU B 121 14.84 -17.31 -6.14
C GLU B 121 14.64 -18.59 -5.32
N GLU B 122 14.77 -18.48 -4.00
CA GLU B 122 14.47 -19.62 -3.14
C GLU B 122 12.99 -19.99 -3.24
N ALA B 123 12.11 -18.99 -3.21
CA ALA B 123 10.67 -19.26 -3.28
C ALA B 123 10.28 -19.89 -4.60
N ALA B 124 10.96 -19.52 -5.69
CA ALA B 124 10.59 -20.03 -7.00
C ALA B 124 10.82 -21.52 -7.14
N SER B 125 11.72 -22.10 -6.36
CA SER B 125 11.96 -23.53 -6.40
C SER B 125 10.98 -24.33 -5.57
N MSE B 126 10.15 -23.66 -4.78
CA MSE B 126 9.18 -24.30 -3.89
C MSE B 126 7.79 -24.36 -4.50
O MSE B 126 7.46 -23.55 -5.36
CB MSE B 126 9.09 -23.52 -2.58
CG MSE B 126 10.39 -23.40 -1.82
SE MSE B 126 10.10 -22.18 -0.31
CE MSE B 126 11.90 -22.29 0.46
N SER B 127 6.95 -25.28 -4.02
CA SER B 127 5.55 -25.26 -4.41
C SER B 127 4.85 -24.04 -3.83
N VAL B 128 3.67 -23.74 -4.38
CA VAL B 128 2.89 -22.59 -3.92
C VAL B 128 2.66 -22.68 -2.41
N GLU B 129 2.16 -23.81 -1.92
CA GLU B 129 1.83 -23.83 -0.49
C GLU B 129 3.09 -23.91 0.36
N GLU B 130 4.18 -24.48 -0.19
CA GLU B 130 5.42 -24.49 0.57
C GLU B 130 5.95 -23.07 0.77
N ARG B 131 5.98 -22.26 -0.30
CA ARG B 131 6.49 -20.92 -0.14
C ARG B 131 5.56 -20.05 0.70
N LYS B 132 4.23 -20.25 0.60
CA LYS B 132 3.32 -19.51 1.47
C LYS B 132 3.61 -19.79 2.94
N ALA B 133 3.95 -21.05 3.28
CA ALA B 133 4.29 -21.34 4.67
C ALA B 133 5.65 -20.79 5.04
N LYS B 134 6.64 -20.92 4.15
CA LYS B 134 8.01 -20.58 4.53
C LYS B 134 8.26 -19.09 4.60
N PHE B 135 7.42 -18.26 3.97
CA PHE B 135 7.66 -16.83 3.91
C PHE B 135 6.64 -16.04 4.72
N THR B 136 5.98 -16.69 5.68
CA THR B 136 5.07 -15.94 6.54
C THR B 136 5.78 -14.90 7.39
N PHE B 137 7.10 -15.03 7.57
CA PHE B 137 7.82 -14.02 8.35
C PHE B 137 7.78 -12.65 7.69
N LEU B 138 7.54 -12.59 6.38
CA LEU B 138 7.44 -11.29 5.70
C LEU B 138 6.19 -10.52 6.08
N TYR B 139 5.21 -11.18 6.70
CA TYR B 139 3.98 -10.51 7.12
C TYR B 139 4.11 -9.84 8.48
N VAL B 140 5.24 -10.01 9.15
CA VAL B 140 5.45 -9.40 10.45
C VAL B 140 5.78 -7.92 10.28
N GLY B 141 5.26 -7.10 11.18
CA GLY B 141 5.59 -5.68 11.21
C GLY B 141 5.12 -4.88 10.01
P DN F 3 -36.32 0.65 -10.54
OP1 DN F 3 -37.17 0.49 -9.29
OP2 DN F 3 -36.97 0.75 -11.90
O5' DN F 3 -35.37 1.93 -10.36
UNK UNX G . 2.98 4.89 -6.03
UNK UNX H . -7.06 4.35 -4.41
UNK UNX I . -17.85 -1.39 19.06
UNK UNX J . -12.71 -1.94 18.17
UNK UNX K . -15.61 15.11 15.75
UNK UNX L . -22.62 9.23 3.99
UNK UNX M . -5.14 -4.47 14.24
UNK UNX N . -14.36 2.57 -2.05
UNK UNX O . -20.35 12.55 -10.64
UNK UNX P . -15.76 2.76 0.45
UNK UNX Q . -2.31 -3.59 14.29
UNK UNX R . -1.80 16.59 12.75
UNK UNX S . -3.12 17.30 9.99
UNK UNX T . -2.22 19.48 8.47
UNK UNX U . 10.91 17.00 2.32
UNK UNX V . -3.35 14.78 -5.93
UNK UNX W . 3.01 3.48 -9.22
UNK UNX X . -3.15 4.20 -2.31
UNK UNX Y . -11.82 -4.98 12.02
UNK UNX Z . 2.91 20.19 8.92
UNK UNX AA . 17.22 -15.56 -14.51
UNK UNX BA . 12.17 -19.48 6.19
UNK UNX CA . 17.84 -15.82 -11.05
UNK UNX DA . 2.79 1.98 -3.90
UNK UNX EA . -0.76 -18.03 3.81
UNK UNX FA . 20.44 -0.74 -16.80
UNK UNX GA . -5.48 1.08 -4.24
UNK UNX HA . -13.44 -4.75 -6.06
UNK UNX IA . 2.10 -27.98 -6.89
UNK UNX JA . -11.88 -7.57 -3.47
UNK UNX KA . -11.48 -6.16 -1.17
UNK UNX LA . 0.69 -23.11 3.01
UNK UNX MA . 20.20 3.34 -1.06
UNK UNX NA . 17.40 -18.66 0.17
UNK UNX OA . -4.28 -19.24 1.65
UNK UNX PA . 12.51 -7.79 5.99
UNK UNX QA . 20.62 -11.16 -5.36
UNK UNX RA . 0.74 -20.73 4.72
UNK UNX SA . 18.10 7.11 -15.62
#